data_2AN5
#
_entry.id   2AN5
#
_cell.length_a   94.020
_cell.length_b   94.020
_cell.length_c   187.510
_cell.angle_alpha   90.00
_cell.angle_beta   90.00
_cell.angle_gamma   90.00
#
_symmetry.space_group_name_H-M   'P 43 21 2'
#
loop_
_entity.id
_entity.type
_entity.pdbx_description
1 polymer 'Phenylethanolamine N-methyltransferase'
2 non-polymer S-ADENOSYL-L-HOMOCYSTEINE
3 non-polymer TRANS-(1S,2S)-2-AMINO-1,2,3,4-TETRAHYDRONAPHTHALEN-1-OL
4 non-polymer 'PHOSPHATE ION'
5 water water
#
_entity_poly.entity_id   1
_entity_poly.type   'polypeptide(L)'
_entity_poly.pdbx_seq_one_letter_code
;MSGADRSPNAGAAPDSAPGQAAVASAYQRFEPRAYLRNNYAPPRGDLCNPNGVGPWKLRCLAQTFATGEVSGRTLIDIGS
GPTVYQLLSACSHFEDITMTDFLEVNRQELGRWLQEEPGAFNWSMYSQHACLIEGKGECWQDKERQLRARVKRVLPIDVH
QPQPLGAGSPAPLPADALVSAFCLEAVSPDLASFQRALDHITTLLRPGGHLLLIGALEESWYLAGEARLTVVPVSEEEVR
EALVRSGYKVRDLRTYIMPAHLQTGVDDVKGVFFAWAQKVGLEHHHHHH
;
_entity_poly.pdbx_strand_id   A,B
#
loop_
_chem_comp.id
_chem_comp.type
_chem_comp.name
_chem_comp.formula
PO4 non-polymer 'PHOSPHATE ION' 'O4 P -3'
SAH non-polymer S-ADENOSYL-L-HOMOCYSTEINE 'C14 H20 N6 O5 S'
TTL non-polymer TRANS-(1S,2S)-2-AMINO-1,2,3,4-TETRAHYDRONAPHTHALEN-1-OL 'C10 H13 N O'
#
# COMPACT_ATOMS: atom_id res chain seq x y z
N VAL A 23 10.20 25.76 -29.95
CA VAL A 23 9.37 24.73 -29.27
C VAL A 23 8.33 25.39 -28.38
N ALA A 24 8.74 26.45 -27.67
CA ALA A 24 7.88 27.18 -26.76
C ALA A 24 6.41 27.32 -27.18
N SER A 25 6.18 27.59 -28.47
CA SER A 25 4.82 27.75 -28.99
C SER A 25 4.06 26.42 -29.07
N ALA A 26 4.81 25.33 -29.26
CA ALA A 26 4.19 24.01 -29.33
C ALA A 26 3.63 23.61 -27.96
N TYR A 27 4.34 24.00 -26.91
CA TYR A 27 3.89 23.68 -25.56
C TYR A 27 2.65 24.46 -25.16
N GLN A 28 2.14 25.30 -26.05
CA GLN A 28 0.97 26.08 -25.77
C GLN A 28 -0.30 25.25 -25.94
N ARG A 29 -0.22 24.19 -26.75
CA ARG A 29 -1.35 23.30 -26.96
C ARG A 29 -1.27 22.06 -26.05
N PHE A 30 -0.32 22.08 -25.14
CA PHE A 30 -0.06 21.00 -24.17
C PHE A 30 -1.27 20.71 -23.28
N GLU A 31 -1.74 19.46 -23.28
CA GLU A 31 -2.89 19.05 -22.46
C GLU A 31 -2.43 18.19 -21.27
N PRO A 32 -2.34 18.77 -20.06
CA PRO A 32 -1.92 18.08 -18.85
C PRO A 32 -2.60 16.73 -18.59
N ARG A 33 -3.92 16.68 -18.79
CA ARG A 33 -4.65 15.45 -18.58
C ARG A 33 -4.31 14.39 -19.62
N ALA A 34 -4.09 14.81 -20.86
CA ALA A 34 -3.73 13.87 -21.91
C ALA A 34 -2.34 13.32 -21.66
N TYR A 35 -1.44 14.18 -21.21
CA TYR A 35 -0.09 13.77 -20.92
C TYR A 35 -0.07 12.77 -19.76
N LEU A 36 -0.80 13.08 -18.70
CA LEU A 36 -0.86 12.21 -17.53
C LEU A 36 -1.36 10.82 -17.86
N ARG A 37 -2.39 10.78 -18.69
CA ARG A 37 -3.01 9.55 -19.14
C ARG A 37 -2.10 8.72 -20.05
N ASN A 38 -1.27 9.43 -20.81
CA ASN A 38 -0.33 8.79 -21.74
C ASN A 38 0.84 8.16 -21.03
N ASN A 39 1.22 8.77 -19.90
CA ASN A 39 2.40 8.31 -19.17
C ASN A 39 2.27 7.81 -17.76
N TYR A 40 1.17 8.14 -17.10
CA TYR A 40 1.01 7.70 -15.73
C TYR A 40 -0.23 6.89 -15.43
N ALA A 41 -0.89 6.47 -16.50
CA ALA A 41 -2.08 5.62 -16.43
C ALA A 41 -1.67 4.31 -17.12
N PRO A 42 -2.41 3.22 -16.89
CA PRO A 42 -2.02 1.96 -17.54
C PRO A 42 -1.86 2.14 -19.04
N PRO A 43 -0.92 1.41 -19.67
CA PRO A 43 0.00 0.41 -19.09
C PRO A 43 1.22 0.93 -18.30
N ARG A 44 1.77 2.08 -18.68
CA ARG A 44 2.94 2.61 -17.97
C ARG A 44 2.62 2.97 -16.52
N GLY A 45 1.33 3.19 -16.24
CA GLY A 45 0.93 3.56 -14.90
C GLY A 45 0.52 2.38 -14.04
N ASP A 46 0.66 1.18 -14.60
CA ASP A 46 0.34 -0.02 -13.86
C ASP A 46 1.65 -0.37 -13.18
N LEU A 47 1.70 -0.17 -11.87
CA LEU A 47 2.92 -0.40 -11.11
C LEU A 47 3.01 -1.81 -10.53
N CYS A 48 2.06 -2.68 -10.89
CA CYS A 48 2.08 -4.04 -10.38
C CYS A 48 3.19 -4.88 -10.99
N ASN A 49 3.57 -4.58 -12.22
CA ASN A 49 4.66 -5.34 -12.85
C ASN A 49 5.96 -4.67 -12.43
N PRO A 50 6.77 -5.37 -11.61
CA PRO A 50 8.05 -4.84 -11.14
C PRO A 50 9.02 -4.47 -12.25
N ASN A 51 8.76 -4.94 -13.48
CA ASN A 51 9.64 -4.65 -14.60
C ASN A 51 9.19 -3.43 -15.41
N GLY A 52 8.22 -2.69 -14.88
CA GLY A 52 7.72 -1.52 -15.58
C GLY A 52 8.62 -0.31 -15.39
N VAL A 53 8.39 0.72 -16.21
CA VAL A 53 9.19 1.94 -16.12
C VAL A 53 8.87 2.71 -14.82
N GLY A 54 7.63 2.64 -14.37
CA GLY A 54 7.24 3.33 -13.15
C GLY A 54 8.04 2.80 -11.97
N PRO A 55 7.97 1.50 -11.72
CA PRO A 55 8.70 0.88 -10.61
C PRO A 55 10.21 1.17 -10.67
N TRP A 56 10.75 1.23 -11.87
CA TRP A 56 12.16 1.50 -12.07
C TRP A 56 12.50 2.94 -11.64
N LYS A 57 11.80 3.92 -12.20
CA LYS A 57 12.03 5.31 -11.83
C LYS A 57 11.94 5.51 -10.32
N LEU A 58 10.88 4.98 -9.72
CA LEU A 58 10.69 5.10 -8.28
C LEU A 58 11.83 4.43 -7.51
N ARG A 59 12.29 3.30 -8.00
CA ARG A 59 13.37 2.58 -7.34
C ARG A 59 14.64 3.40 -7.38
N CYS A 60 14.96 4.00 -8.53
CA CYS A 60 16.16 4.82 -8.66
C CYS A 60 16.16 5.93 -7.62
N LEU A 61 15.07 6.69 -7.62
CA LEU A 61 14.90 7.81 -6.69
C LEU A 61 15.03 7.36 -5.25
N ALA A 62 14.30 6.30 -4.91
CA ALA A 62 14.31 5.75 -3.55
C ALA A 62 15.68 5.28 -3.09
N GLN A 63 16.31 4.44 -3.89
CA GLN A 63 17.63 3.93 -3.54
C GLN A 63 18.62 5.06 -3.33
N THR A 64 18.55 6.07 -4.19
CA THR A 64 19.44 7.22 -4.12
C THR A 64 19.32 7.98 -2.80
N PHE A 65 18.11 8.37 -2.46
CA PHE A 65 17.88 9.09 -1.21
C PHE A 65 18.12 8.21 0.02
N ALA A 66 18.17 6.90 -0.17
CA ALA A 66 18.37 5.97 0.95
C ALA A 66 19.82 5.84 1.35
N THR A 67 20.70 6.52 0.60
CA THR A 67 22.13 6.49 0.88
C THR A 67 22.43 7.58 1.89
N GLY A 68 21.48 8.52 2.02
CA GLY A 68 21.64 9.62 2.94
C GLY A 68 22.72 10.61 2.55
N GLU A 69 23.09 10.61 1.27
CA GLU A 69 24.11 11.53 0.79
C GLU A 69 23.44 12.79 0.25
N VAL A 70 22.19 12.65 -0.17
CA VAL A 70 21.44 13.77 -0.70
C VAL A 70 20.57 14.34 0.41
N SER A 71 21.14 15.25 1.19
CA SER A 71 20.43 15.86 2.30
C SER A 71 20.52 17.38 2.28
N GLY A 72 19.57 18.04 2.94
CA GLY A 72 19.56 19.48 2.99
C GLY A 72 18.26 20.08 3.48
N ARG A 73 18.14 21.39 3.36
CA ARG A 73 16.94 22.10 3.80
C ARG A 73 16.02 22.43 2.63
N THR A 74 16.61 22.87 1.52
CA THR A 74 15.81 23.23 0.35
C THR A 74 16.09 22.38 -0.90
N LEU A 75 15.05 22.23 -1.73
CA LEU A 75 15.14 21.46 -2.96
C LEU A 75 14.18 22.03 -4.01
N ILE A 76 14.63 22.09 -5.26
CA ILE A 76 13.81 22.59 -6.35
C ILE A 76 13.59 21.53 -7.44
N ASP A 77 12.35 21.43 -7.91
CA ASP A 77 11.99 20.48 -8.96
C ASP A 77 11.80 21.28 -10.24
N ILE A 78 12.73 21.09 -11.18
CA ILE A 78 12.72 21.79 -12.46
C ILE A 78 11.82 21.13 -13.49
N GLY A 79 10.82 21.86 -13.95
CA GLY A 79 9.90 21.34 -14.97
C GLY A 79 9.01 20.22 -14.47
N SER A 80 8.41 20.45 -13.30
CA SER A 80 7.51 19.50 -12.65
C SER A 80 6.37 19.01 -13.52
N GLY A 81 5.91 19.85 -14.44
CA GLY A 81 4.79 19.45 -15.26
C GLY A 81 3.61 19.18 -14.34
N PRO A 82 2.71 18.26 -14.70
CA PRO A 82 1.56 17.99 -13.81
C PRO A 82 1.80 16.79 -12.89
N THR A 83 3.06 16.44 -12.67
CA THR A 83 3.34 15.25 -11.86
C THR A 83 4.02 15.50 -10.52
N VAL A 84 3.90 14.53 -9.61
CA VAL A 84 4.51 14.62 -8.29
C VAL A 84 5.34 13.40 -7.87
N TYR A 85 5.26 12.31 -8.62
CA TYR A 85 5.99 11.09 -8.28
C TYR A 85 7.48 11.35 -8.11
N GLN A 86 8.02 12.27 -8.90
CA GLN A 86 9.44 12.56 -8.85
C GLN A 86 9.93 13.12 -7.51
N LEU A 87 9.00 13.35 -6.58
CA LEU A 87 9.36 13.90 -5.29
C LEU A 87 8.99 13.03 -4.08
N LEU A 88 8.25 11.94 -4.31
CA LEU A 88 7.83 11.08 -3.22
C LEU A 88 8.89 10.65 -2.23
N SER A 89 10.05 10.19 -2.72
CA SER A 89 11.09 9.77 -1.79
C SER A 89 11.88 10.98 -1.31
N ALA A 90 12.04 11.95 -2.19
CA ALA A 90 12.79 13.15 -1.88
C ALA A 90 12.20 13.95 -0.72
N CYS A 91 10.89 14.20 -0.80
CA CYS A 91 10.19 15.01 0.19
C CYS A 91 10.53 14.79 1.66
N SER A 92 10.95 13.59 2.03
CA SER A 92 11.27 13.36 3.43
C SER A 92 12.66 13.81 3.84
N HIS A 93 13.47 14.27 2.89
CA HIS A 93 14.83 14.73 3.21
C HIS A 93 15.02 16.23 3.12
N PHE A 94 14.00 16.93 2.64
CA PHE A 94 14.06 18.39 2.51
C PHE A 94 12.75 19.01 2.98
N GLU A 95 12.86 20.04 3.82
CA GLU A 95 11.67 20.71 4.34
C GLU A 95 11.07 21.83 3.48
N ASP A 96 11.86 22.38 2.58
CA ASP A 96 11.36 23.43 1.71
C ASP A 96 11.47 22.94 0.26
N ILE A 97 10.34 22.53 -0.30
CA ILE A 97 10.31 22.04 -1.66
C ILE A 97 9.61 23.00 -2.61
N THR A 98 10.31 23.34 -3.69
CA THR A 98 9.79 24.24 -4.71
C THR A 98 9.53 23.47 -5.99
N MET A 99 8.29 23.50 -6.47
CA MET A 99 7.94 22.84 -7.71
C MET A 99 7.81 23.92 -8.79
N THR A 100 8.16 23.59 -10.02
CA THR A 100 8.11 24.58 -11.09
C THR A 100 7.58 24.06 -12.42
N ASP A 101 7.34 24.99 -13.35
CA ASP A 101 6.88 24.67 -14.69
C ASP A 101 6.53 25.88 -15.55
N PHE A 102 6.81 25.73 -16.84
CA PHE A 102 6.60 26.75 -17.85
C PHE A 102 5.13 27.03 -18.16
N LEU A 103 4.23 26.16 -17.75
CA LEU A 103 2.82 26.39 -18.07
C LEU A 103 1.88 26.58 -16.91
N GLU A 104 0.98 27.55 -17.06
CA GLU A 104 -0.04 27.84 -16.06
C GLU A 104 -0.86 26.56 -15.87
N VAL A 105 -1.35 26.00 -16.98
CA VAL A 105 -2.18 24.78 -16.93
C VAL A 105 -1.59 23.66 -16.07
N ASN A 106 -0.28 23.47 -16.15
CA ASN A 106 0.37 22.44 -15.34
C ASN A 106 0.37 22.85 -13.88
N ARG A 107 0.86 24.05 -13.61
CA ARG A 107 0.89 24.57 -12.23
C ARG A 107 -0.50 24.50 -11.63
N GLN A 108 -1.51 24.76 -12.45
CA GLN A 108 -2.90 24.71 -11.98
C GLN A 108 -3.21 23.26 -11.59
N GLU A 109 -2.75 22.31 -12.40
CA GLU A 109 -2.97 20.90 -12.15
C GLU A 109 -2.24 20.48 -10.88
N LEU A 110 -1.02 20.98 -10.69
CA LEU A 110 -0.25 20.66 -9.48
C LEU A 110 -1.02 21.12 -8.24
N GLY A 111 -1.41 22.39 -8.25
CA GLY A 111 -2.14 22.95 -7.12
C GLY A 111 -3.43 22.19 -6.84
N ARG A 112 -4.04 21.66 -7.88
CA ARG A 112 -5.28 20.91 -7.73
C ARG A 112 -5.07 19.65 -6.89
N TRP A 113 -3.87 19.07 -6.97
CA TRP A 113 -3.57 17.88 -6.18
C TRP A 113 -3.06 18.30 -4.80
N LEU A 114 -2.24 19.35 -4.78
CA LEU A 114 -1.69 19.85 -3.53
C LEU A 114 -2.76 20.29 -2.53
N GLN A 115 -3.87 20.83 -3.03
CA GLN A 115 -4.95 21.27 -2.17
C GLN A 115 -5.99 20.17 -1.91
N GLU A 116 -6.02 19.18 -2.80
CA GLU A 116 -6.96 18.07 -2.70
C GLU A 116 -8.33 18.52 -3.20
N GLU A 117 -8.30 19.37 -4.23
CA GLU A 117 -9.51 19.91 -4.82
C GLU A 117 -10.20 18.87 -5.71
N PRO A 118 -11.33 19.24 -6.34
CA PRO A 118 -12.01 18.25 -7.20
C PRO A 118 -11.26 18.00 -8.50
N GLY A 119 -11.21 16.72 -8.89
CA GLY A 119 -10.55 16.36 -10.12
C GLY A 119 -9.03 16.34 -10.11
N ALA A 120 -8.42 16.25 -8.94
CA ALA A 120 -6.97 16.19 -8.91
C ALA A 120 -6.63 14.81 -9.49
N PHE A 121 -5.39 14.63 -9.93
CA PHE A 121 -4.98 13.34 -10.48
C PHE A 121 -4.72 12.43 -9.29
N ASN A 122 -4.98 11.14 -9.46
CA ASN A 122 -4.77 10.22 -8.37
C ASN A 122 -3.37 9.56 -8.38
N TRP A 123 -2.50 10.01 -7.50
CA TRP A 123 -1.15 9.47 -7.42
C TRP A 123 -0.99 8.39 -6.35
N SER A 124 -2.10 7.92 -5.80
CA SER A 124 -2.03 6.93 -4.73
C SER A 124 -1.28 5.64 -5.09
N MET A 125 -1.46 5.10 -6.29
CA MET A 125 -0.76 3.86 -6.65
C MET A 125 0.75 4.15 -6.57
N TYR A 126 1.15 5.35 -7.02
CA TYR A 126 2.56 5.76 -6.99
C TYR A 126 3.05 5.96 -5.55
N SER A 127 2.25 6.67 -4.75
CA SER A 127 2.58 6.94 -3.35
C SER A 127 2.81 5.63 -2.61
N GLN A 128 1.89 4.68 -2.82
CA GLN A 128 1.95 3.37 -2.21
C GLN A 128 3.23 2.60 -2.56
N HIS A 129 3.61 2.62 -3.83
CA HIS A 129 4.81 1.89 -4.22
C HIS A 129 6.07 2.55 -3.69
N ALA A 130 6.04 3.87 -3.50
CA ALA A 130 7.21 4.54 -2.95
C ALA A 130 7.37 4.05 -1.52
N CYS A 131 6.24 3.77 -0.85
CA CYS A 131 6.28 3.28 0.52
C CYS A 131 6.77 1.83 0.54
N LEU A 132 6.35 1.07 -0.45
CA LEU A 132 6.74 -0.32 -0.61
C LEU A 132 8.25 -0.39 -0.77
N ILE A 133 8.75 0.31 -1.78
CA ILE A 133 10.16 0.37 -2.11
C ILE A 133 11.04 0.87 -0.97
N GLU A 134 10.66 2.00 -0.38
CA GLU A 134 11.44 2.54 0.72
C GLU A 134 11.45 1.51 1.83
N GLY A 135 10.30 0.88 2.05
CA GLY A 135 10.22 -0.15 3.08
C GLY A 135 10.48 0.31 4.51
N LYS A 136 9.84 1.39 4.92
CA LYS A 136 9.99 1.88 6.28
C LYS A 136 8.64 1.74 6.94
N GLY A 137 7.76 0.93 6.37
CA GLY A 137 6.45 0.72 6.94
C GLY A 137 5.49 1.90 6.92
N GLU A 138 5.88 2.99 6.26
CA GLU A 138 5.02 4.17 6.19
C GLU A 138 3.77 3.89 5.37
N CYS A 139 2.66 4.55 5.73
CA CYS A 139 1.40 4.39 4.99
C CYS A 139 1.43 5.47 3.90
N TRP A 140 0.75 5.23 2.79
CA TRP A 140 0.77 6.19 1.69
C TRP A 140 0.12 7.54 1.98
N GLN A 141 -0.83 7.60 2.90
CA GLN A 141 -1.47 8.88 3.23
C GLN A 141 -0.49 9.81 3.94
N ASP A 142 0.34 9.25 4.82
CA ASP A 142 1.34 10.05 5.54
C ASP A 142 2.41 10.58 4.59
N LYS A 143 2.72 9.78 3.58
CA LYS A 143 3.71 10.14 2.58
C LYS A 143 3.17 11.32 1.76
N GLU A 144 1.93 11.18 1.28
CA GLU A 144 1.31 12.25 0.49
C GLU A 144 1.13 13.50 1.33
N ARG A 145 0.88 13.30 2.62
CA ARG A 145 0.68 14.40 3.57
C ARG A 145 1.99 15.16 3.76
N GLN A 146 3.11 14.42 3.85
CA GLN A 146 4.41 15.04 4.03
C GLN A 146 4.77 15.88 2.82
N LEU A 147 4.60 15.30 1.63
CA LEU A 147 4.91 16.00 0.39
C LEU A 147 4.10 17.31 0.27
N ARG A 148 2.79 17.22 0.44
CA ARG A 148 1.92 18.40 0.36
C ARG A 148 2.34 19.48 1.37
N ALA A 149 2.90 19.04 2.48
CA ALA A 149 3.33 19.95 3.53
C ALA A 149 4.63 20.66 3.18
N ARG A 150 5.57 19.91 2.60
CA ARG A 150 6.86 20.48 2.26
C ARG A 150 6.95 21.26 0.94
N VAL A 151 5.90 21.19 0.14
CA VAL A 151 5.86 21.93 -1.12
C VAL A 151 5.33 23.31 -0.76
N LYS A 152 6.26 24.26 -0.62
CA LYS A 152 5.93 25.62 -0.25
C LYS A 152 5.41 26.46 -1.42
N ARG A 153 5.83 26.13 -2.64
CA ARG A 153 5.40 26.90 -3.80
C ARG A 153 5.54 26.24 -5.18
N VAL A 154 4.70 26.69 -6.11
CA VAL A 154 4.70 26.22 -7.49
C VAL A 154 4.98 27.46 -8.33
N LEU A 155 6.19 27.58 -8.86
CA LEU A 155 6.57 28.76 -9.64
C LEU A 155 6.80 28.56 -11.14
N PRO A 156 6.75 29.67 -11.90
CA PRO A 156 6.96 29.63 -13.34
C PRO A 156 8.46 29.47 -13.56
N ILE A 157 8.85 28.90 -14.69
CA ILE A 157 10.27 28.71 -14.95
C ILE A 157 10.54 28.51 -16.43
N ASP A 158 11.72 28.93 -16.86
CA ASP A 158 12.15 28.78 -18.24
C ASP A 158 13.63 28.43 -18.22
N VAL A 159 13.93 27.16 -18.46
CA VAL A 159 15.32 26.71 -18.45
C VAL A 159 16.15 27.40 -19.54
N HIS A 160 15.49 28.07 -20.47
CA HIS A 160 16.20 28.76 -21.55
C HIS A 160 16.80 30.08 -21.10
N GLN A 161 16.19 30.71 -20.10
CA GLN A 161 16.70 31.95 -19.55
C GLN A 161 17.87 31.59 -18.66
N PRO A 162 19.04 32.25 -18.84
CA PRO A 162 20.24 31.98 -18.03
C PRO A 162 20.02 32.18 -16.53
N GLN A 163 18.81 32.63 -16.21
CA GLN A 163 18.34 32.84 -14.83
C GLN A 163 16.90 32.35 -14.89
N PRO A 164 16.72 31.02 -14.97
CA PRO A 164 15.47 30.25 -15.05
C PRO A 164 14.26 30.73 -14.27
N LEU A 165 14.43 30.90 -12.97
CA LEU A 165 13.34 31.32 -12.09
C LEU A 165 13.07 32.82 -12.09
N GLY A 166 14.11 33.61 -12.27
CA GLY A 166 13.95 35.05 -12.27
C GLY A 166 14.95 35.66 -11.32
N ALA A 167 14.80 36.95 -11.02
CA ALA A 167 15.72 37.64 -10.12
C ALA A 167 15.23 37.65 -8.66
N GLY A 168 13.99 38.04 -8.45
CA GLY A 168 13.45 38.08 -7.09
C GLY A 168 12.53 36.91 -6.81
N SER A 169 12.98 35.71 -7.18
CA SER A 169 12.20 34.48 -6.97
C SER A 169 11.99 34.17 -5.50
N PRO A 170 10.74 33.85 -5.12
CA PRO A 170 10.34 33.53 -3.74
C PRO A 170 11.07 32.27 -3.27
N ALA A 171 11.74 31.61 -4.21
CA ALA A 171 12.47 30.37 -3.94
C ALA A 171 13.86 30.58 -3.35
N PRO A 172 14.17 29.85 -2.26
CA PRO A 172 15.45 29.92 -1.58
C PRO A 172 16.58 29.52 -2.53
N LEU A 173 17.56 30.41 -2.70
CA LEU A 173 18.67 30.10 -3.59
C LEU A 173 20.00 30.38 -2.91
N PRO A 174 21.01 29.52 -3.16
CA PRO A 174 20.86 28.36 -4.04
C PRO A 174 20.21 27.21 -3.29
N ALA A 175 19.65 26.26 -4.03
CA ALA A 175 19.01 25.10 -3.42
C ALA A 175 20.08 24.09 -3.03
N ASP A 176 19.74 23.18 -2.12
CA ASP A 176 20.67 22.16 -1.67
C ASP A 176 20.66 21.00 -2.67
N ALA A 177 19.53 20.86 -3.36
CA ALA A 177 19.40 19.79 -4.35
C ALA A 177 18.44 20.13 -5.46
N LEU A 178 18.58 19.40 -6.57
CA LEU A 178 17.75 19.57 -7.75
C LEU A 178 17.23 18.24 -8.27
N VAL A 179 15.98 18.25 -8.72
CA VAL A 179 15.35 17.06 -9.28
C VAL A 179 14.67 17.51 -10.57
N SER A 180 14.88 16.75 -11.65
CA SER A 180 14.28 17.10 -12.92
C SER A 180 14.01 15.83 -13.71
N ALA A 181 12.77 15.68 -14.15
CA ALA A 181 12.37 14.51 -14.91
C ALA A 181 11.71 14.85 -16.22
N PHE A 182 12.29 14.38 -17.31
CA PHE A 182 11.76 14.60 -18.65
C PHE A 182 11.49 16.06 -19.04
N CYS A 183 12.43 16.95 -18.74
CA CYS A 183 12.25 18.35 -19.08
C CYS A 183 13.23 18.84 -20.12
N LEU A 184 14.49 18.95 -19.72
CA LEU A 184 15.54 19.45 -20.61
C LEU A 184 15.47 18.91 -22.02
N GLU A 185 15.58 17.60 -22.18
CA GLU A 185 15.56 17.05 -23.53
C GLU A 185 14.20 17.26 -24.21
N ALA A 186 13.18 17.56 -23.42
CA ALA A 186 11.83 17.77 -23.98
C ALA A 186 11.57 19.23 -24.32
N VAL A 187 12.56 20.09 -24.13
CA VAL A 187 12.38 21.51 -24.42
C VAL A 187 13.57 22.07 -25.19
N SER A 188 14.45 21.17 -25.63
CA SER A 188 15.63 21.56 -26.38
C SER A 188 15.61 20.96 -27.78
N PRO A 189 15.84 21.79 -28.81
CA PRO A 189 15.84 21.36 -30.22
C PRO A 189 17.06 20.53 -30.60
N ASP A 190 18.13 20.67 -29.83
CA ASP A 190 19.35 19.94 -30.13
C ASP A 190 20.24 19.85 -28.90
N LEU A 191 21.36 19.14 -29.05
CA LEU A 191 22.31 18.95 -27.95
C LEU A 191 22.76 20.23 -27.26
N ALA A 192 23.31 21.16 -28.03
CA ALA A 192 23.80 22.42 -27.47
C ALA A 192 22.76 23.13 -26.61
N SER A 193 21.50 23.09 -27.01
CA SER A 193 20.46 23.74 -26.22
C SER A 193 20.28 22.97 -24.91
N PHE A 194 20.35 21.65 -25.00
CA PHE A 194 20.22 20.77 -23.85
C PHE A 194 21.37 21.10 -22.90
N GLN A 195 22.54 21.36 -23.48
CA GLN A 195 23.73 21.68 -22.70
C GLN A 195 23.59 23.02 -21.98
N ARG A 196 23.15 24.04 -22.69
CA ARG A 196 22.99 25.34 -22.06
C ARG A 196 21.92 25.30 -20.99
N ALA A 197 20.83 24.59 -21.27
CA ALA A 197 19.72 24.45 -20.34
C ALA A 197 20.21 23.89 -19.01
N LEU A 198 21.13 22.94 -19.07
CA LEU A 198 21.68 22.34 -17.86
C LEU A 198 22.52 23.39 -17.15
N ASP A 199 23.37 24.10 -17.89
CA ASP A 199 24.20 25.14 -17.31
C ASP A 199 23.32 26.12 -16.55
N HIS A 200 22.20 26.49 -17.17
CA HIS A 200 21.26 27.43 -16.56
C HIS A 200 20.75 26.94 -15.20
N ILE A 201 20.09 25.79 -15.18
CA ILE A 201 19.56 25.26 -13.93
C ILE A 201 20.67 24.91 -12.95
N THR A 202 21.84 24.53 -13.47
CA THR A 202 22.98 24.17 -12.65
C THR A 202 23.42 25.33 -11.73
N THR A 203 23.08 26.55 -12.13
CA THR A 203 23.46 27.72 -11.35
C THR A 203 22.58 27.85 -10.10
N LEU A 204 21.39 27.26 -10.18
CA LEU A 204 20.42 27.28 -9.08
C LEU A 204 20.89 26.35 -7.97
N LEU A 205 21.87 25.52 -8.31
CA LEU A 205 22.40 24.54 -7.35
C LEU A 205 23.68 24.98 -6.66
N ARG A 206 23.63 24.91 -5.34
CA ARG A 206 24.73 25.24 -4.45
C ARG A 206 25.94 24.36 -4.77
N PRO A 207 27.16 24.94 -4.74
CA PRO A 207 28.32 24.10 -5.04
C PRO A 207 28.37 22.96 -4.02
N GLY A 208 28.43 21.72 -4.50
CA GLY A 208 28.45 20.59 -3.59
C GLY A 208 27.06 19.99 -3.49
N GLY A 209 26.08 20.72 -4.02
CA GLY A 209 24.70 20.25 -4.01
C GLY A 209 24.50 19.01 -4.85
N HIS A 210 23.26 18.53 -4.94
CA HIS A 210 22.98 17.32 -5.70
C HIS A 210 21.93 17.47 -6.78
N LEU A 211 22.15 16.80 -7.89
CA LEU A 211 21.22 16.83 -9.02
C LEU A 211 20.76 15.43 -9.36
N LEU A 212 19.44 15.28 -9.45
CA LEU A 212 18.82 14.01 -9.82
C LEU A 212 18.08 14.26 -11.12
N LEU A 213 18.65 13.77 -12.22
CA LEU A 213 18.08 13.96 -13.54
C LEU A 213 17.55 12.66 -14.15
N ILE A 214 16.29 12.71 -14.56
CA ILE A 214 15.63 11.57 -15.19
C ILE A 214 15.14 12.06 -16.54
N GLY A 215 15.34 11.24 -17.58
CA GLY A 215 14.91 11.66 -18.91
C GLY A 215 14.79 10.55 -19.93
N ALA A 216 14.32 10.92 -21.12
CA ALA A 216 14.12 9.98 -22.20
C ALA A 216 15.37 9.80 -23.07
N LEU A 217 15.66 8.55 -23.42
CA LEU A 217 16.81 8.24 -24.25
C LEU A 217 16.39 8.00 -25.68
N GLU A 218 17.06 8.70 -26.60
CA GLU A 218 16.81 8.57 -28.02
C GLU A 218 15.36 8.77 -28.42
N GLU A 219 14.69 9.71 -27.75
CA GLU A 219 13.30 10.04 -28.06
C GLU A 219 13.33 11.27 -28.98
N SER A 220 12.35 11.41 -29.87
CA SER A 220 12.34 12.57 -30.75
C SER A 220 10.99 13.27 -30.81
N TRP A 221 9.97 12.68 -30.19
CA TRP A 221 8.64 13.27 -30.15
C TRP A 221 7.75 12.50 -29.18
N TYR A 222 6.70 13.17 -28.71
CA TYR A 222 5.72 12.56 -27.82
C TYR A 222 4.51 13.47 -27.89
N LEU A 223 3.33 12.91 -27.64
CA LEU A 223 2.10 13.68 -27.73
C LEU A 223 1.54 14.07 -26.36
N ALA A 224 0.74 15.13 -26.36
CA ALA A 224 0.08 15.63 -25.16
C ALA A 224 -1.26 16.20 -25.64
N GLY A 225 -2.09 15.30 -26.18
CA GLY A 225 -3.37 15.71 -26.71
C GLY A 225 -3.17 16.29 -28.08
N GLU A 226 -3.75 17.46 -28.35
N GLU A 226 -3.74 17.47 -28.32
CA GLU A 226 -3.61 18.11 -29.65
CA GLU A 226 -3.63 18.17 -29.59
C GLU A 226 -2.16 18.51 -29.93
C GLU A 226 -2.17 18.50 -29.92
N ALA A 227 -1.34 18.59 -28.89
CA ALA A 227 0.07 18.95 -29.05
C ALA A 227 0.99 17.79 -29.42
N ARG A 228 1.96 18.08 -30.28
CA ARG A 228 2.95 17.12 -30.75
C ARG A 228 4.31 17.78 -30.51
N LEU A 229 4.94 17.44 -29.39
CA LEU A 229 6.22 18.03 -29.00
C LEU A 229 7.44 17.37 -29.62
N THR A 230 8.42 18.19 -29.96
CA THR A 230 9.67 17.72 -30.53
C THR A 230 10.62 17.42 -29.37
N VAL A 231 11.44 16.39 -29.53
CA VAL A 231 12.39 16.04 -28.48
C VAL A 231 13.76 15.84 -29.13
N VAL A 232 14.81 16.03 -28.36
CA VAL A 232 16.15 15.83 -28.88
C VAL A 232 16.62 14.45 -28.44
N PRO A 233 16.89 13.57 -29.41
CA PRO A 233 17.35 12.21 -29.13
C PRO A 233 18.72 12.30 -28.48
N VAL A 234 18.86 11.78 -27.26
CA VAL A 234 20.14 11.81 -26.60
C VAL A 234 20.53 10.42 -26.15
N SER A 235 21.83 10.19 -25.99
CA SER A 235 22.30 8.88 -25.55
C SER A 235 22.80 8.98 -24.11
N GLU A 236 23.03 7.84 -23.48
CA GLU A 236 23.54 7.82 -22.11
C GLU A 236 24.89 8.55 -22.06
N GLU A 237 25.76 8.26 -23.04
N GLU A 237 25.77 8.24 -23.00
CA GLU A 237 27.07 8.90 -23.12
CA GLU A 237 27.05 8.88 -22.96
C GLU A 237 26.93 10.40 -23.24
C GLU A 237 27.01 10.38 -23.33
N GLU A 238 26.00 10.82 -24.09
CA GLU A 238 25.83 12.25 -24.35
C GLU A 238 25.34 12.97 -23.07
N VAL A 239 24.53 12.28 -22.28
CA VAL A 239 24.01 12.85 -21.03
C VAL A 239 25.17 12.97 -20.07
N ARG A 240 25.99 11.94 -19.98
CA ARG A 240 27.14 11.93 -19.09
C ARG A 240 28.08 13.10 -19.39
N GLU A 241 28.51 13.20 -20.64
CA GLU A 241 29.44 14.25 -21.06
C GLU A 241 28.84 15.62 -20.79
N ALA A 242 27.52 15.73 -20.93
CA ALA A 242 26.83 16.99 -20.69
C ALA A 242 26.82 17.34 -19.19
N LEU A 243 26.75 16.32 -18.35
CA LEU A 243 26.75 16.53 -16.90
C LEU A 243 28.14 17.01 -16.48
N VAL A 244 29.16 16.44 -17.11
CA VAL A 244 30.54 16.82 -16.80
C VAL A 244 30.80 18.25 -17.29
N ARG A 245 30.55 18.48 -18.57
CA ARG A 245 30.75 19.79 -19.17
C ARG A 245 30.06 20.88 -18.34
N SER A 246 29.04 20.51 -17.59
CA SER A 246 28.33 21.48 -16.77
C SER A 246 28.92 21.61 -15.38
N GLY A 247 29.93 20.80 -15.08
CA GLY A 247 30.60 20.84 -13.78
C GLY A 247 30.08 19.90 -12.72
N TYR A 248 29.77 18.67 -13.10
CA TYR A 248 29.25 17.67 -12.16
C TYR A 248 30.13 16.43 -12.07
N LYS A 249 30.07 15.75 -10.94
CA LYS A 249 30.78 14.50 -10.74
C LYS A 249 29.64 13.49 -10.80
N VAL A 250 29.62 12.68 -11.85
CA VAL A 250 28.56 11.69 -12.01
C VAL A 250 28.71 10.56 -11.00
N ARG A 251 27.85 10.58 -9.99
CA ARG A 251 27.87 9.56 -8.94
C ARG A 251 27.20 8.28 -9.43
N ASP A 252 26.18 8.42 -10.26
CA ASP A 252 25.48 7.26 -10.78
C ASP A 252 24.68 7.63 -12.03
N LEU A 253 24.63 6.72 -12.98
CA LEU A 253 23.90 6.95 -14.22
C LEU A 253 23.51 5.59 -14.78
N ARG A 254 22.24 5.26 -14.69
CA ARG A 254 21.75 3.98 -15.18
C ARG A 254 20.74 4.14 -16.31
N THR A 255 20.46 3.04 -17.00
CA THR A 255 19.53 3.02 -18.13
C THR A 255 18.45 1.96 -18.02
N TYR A 256 17.25 2.32 -18.49
CA TYR A 256 16.12 1.42 -18.51
C TYR A 256 15.73 1.30 -19.98
N ILE A 257 15.63 0.09 -20.49
CA ILE A 257 15.26 -0.05 -21.89
C ILE A 257 13.75 -0.27 -21.97
N MET A 258 13.07 0.61 -22.70
CA MET A 258 11.62 0.56 -22.83
C MET A 258 11.19 -0.73 -23.51
N PRO A 259 10.53 -1.64 -22.76
CA PRO A 259 10.09 -2.91 -23.34
C PRO A 259 8.92 -2.72 -24.30
N ALA A 260 8.73 -3.71 -25.19
CA ALA A 260 7.66 -3.64 -26.17
C ALA A 260 6.28 -3.26 -25.60
N HIS A 261 5.83 -3.95 -24.55
CA HIS A 261 4.51 -3.67 -23.99
C HIS A 261 4.32 -2.21 -23.53
N LEU A 262 5.41 -1.46 -23.37
CA LEU A 262 5.27 -0.08 -22.96
C LEU A 262 5.53 0.88 -24.12
N GLN A 263 5.53 0.34 -25.33
CA GLN A 263 5.71 1.12 -26.54
C GLN A 263 4.29 1.26 -27.03
N THR A 264 3.68 2.43 -26.82
N THR A 264 3.72 2.43 -26.83
CA THR A 264 2.28 2.61 -27.16
CA THR A 264 2.39 2.71 -27.28
C THR A 264 1.80 3.59 -28.23
C THR A 264 2.60 3.69 -28.41
N GLY A 265 2.70 4.31 -28.88
N GLY A 265 1.53 4.34 -28.84
CA GLY A 265 2.27 5.24 -29.91
CA GLY A 265 1.64 5.30 -29.91
C GLY A 265 2.28 6.69 -29.45
C GLY A 265 1.64 6.71 -29.35
N VAL A 266 2.16 6.89 -28.14
CA VAL A 266 2.19 8.23 -27.54
C VAL A 266 3.55 8.87 -27.74
N ASP A 267 4.53 8.07 -28.15
CA ASP A 267 5.87 8.59 -28.40
C ASP A 267 6.78 7.53 -29.04
N ASP A 268 8.05 7.87 -29.21
CA ASP A 268 9.01 6.94 -29.81
C ASP A 268 10.23 6.70 -28.92
N VAL A 269 10.09 6.99 -27.62
CA VAL A 269 11.18 6.80 -26.66
C VAL A 269 11.75 5.37 -26.76
N LYS A 270 13.07 5.23 -26.62
CA LYS A 270 13.71 3.92 -26.69
C LYS A 270 14.09 3.41 -25.29
N GLY A 271 14.46 4.34 -24.42
CA GLY A 271 14.83 3.99 -23.06
C GLY A 271 14.69 5.19 -22.14
N VAL A 272 15.01 5.01 -20.86
CA VAL A 272 14.92 6.08 -19.88
C VAL A 272 16.22 6.08 -19.07
N PHE A 273 16.75 7.27 -18.81
CA PHE A 273 17.99 7.35 -18.05
C PHE A 273 17.79 8.01 -16.71
N PHE A 274 18.65 7.63 -15.77
CA PHE A 274 18.64 8.20 -14.44
C PHE A 274 20.04 8.61 -14.03
N ALA A 275 20.22 9.87 -13.67
CA ALA A 275 21.53 10.34 -13.26
C ALA A 275 21.56 11.03 -11.91
N TRP A 276 22.52 10.63 -11.09
CA TRP A 276 22.75 11.22 -9.78
C TRP A 276 24.06 11.94 -9.94
N ALA A 277 23.99 13.26 -10.01
CA ALA A 277 25.19 14.08 -10.19
C ALA A 277 25.37 15.10 -9.06
N GLN A 278 26.62 15.30 -8.67
CA GLN A 278 26.96 16.25 -7.61
C GLN A 278 27.81 17.38 -8.19
N LYS A 279 27.45 18.61 -7.84
CA LYS A 279 28.18 19.77 -8.32
C LYS A 279 29.58 19.83 -7.72
N VAL A 280 30.58 20.01 -8.58
CA VAL A 280 31.97 20.08 -8.16
C VAL A 280 32.17 21.19 -7.12
N PRO B 14 -23.48 -29.91 33.29
CA PRO B 14 -24.70 -29.10 33.04
C PRO B 14 -25.27 -29.26 31.64
N ASP B 15 -26.07 -28.28 31.22
CA ASP B 15 -26.70 -28.28 29.90
C ASP B 15 -26.13 -27.13 29.07
N SER B 16 -25.95 -27.39 27.77
CA SER B 16 -25.37 -26.40 26.85
C SER B 16 -26.36 -25.61 26.00
N ALA B 17 -27.42 -26.27 25.56
CA ALA B 17 -28.43 -25.66 24.70
C ALA B 17 -28.90 -24.23 25.06
N PRO B 18 -29.34 -24.01 26.30
CA PRO B 18 -29.80 -22.67 26.69
C PRO B 18 -28.91 -21.50 26.26
N GLY B 19 -27.63 -21.57 26.60
CA GLY B 19 -26.72 -20.50 26.23
C GLY B 19 -26.57 -20.37 24.72
N GLN B 20 -26.39 -21.51 24.06
CA GLN B 20 -26.23 -21.53 22.62
C GLN B 20 -27.42 -20.87 21.96
N ALA B 21 -28.61 -21.08 22.52
CA ALA B 21 -29.83 -20.50 21.98
C ALA B 21 -29.83 -18.99 22.14
N ALA B 22 -29.37 -18.51 23.29
CA ALA B 22 -29.29 -17.08 23.53
C ALA B 22 -28.41 -16.45 22.46
N VAL B 23 -27.21 -17.02 22.29
CA VAL B 23 -26.25 -16.54 21.30
C VAL B 23 -26.86 -16.52 19.90
N ALA B 24 -27.32 -17.67 19.43
CA ALA B 24 -27.92 -17.74 18.11
C ALA B 24 -28.96 -16.64 17.94
N SER B 25 -29.84 -16.51 18.93
CA SER B 25 -30.88 -15.49 18.92
C SER B 25 -30.30 -14.08 18.77
N ALA B 26 -29.30 -13.76 19.59
CA ALA B 26 -28.68 -12.45 19.55
C ALA B 26 -28.04 -12.10 18.20
N TYR B 27 -27.39 -13.07 17.57
CA TYR B 27 -26.75 -12.79 16.28
C TYR B 27 -27.75 -12.61 15.13
N GLN B 28 -29.01 -12.82 15.44
CA GLN B 28 -30.06 -12.66 14.43
C GLN B 28 -30.29 -11.20 14.15
N ARG B 29 -29.67 -10.33 14.95
CA ARG B 29 -29.79 -8.89 14.75
C ARG B 29 -28.41 -8.28 14.49
N PHE B 30 -27.48 -9.13 14.08
CA PHE B 30 -26.12 -8.72 13.77
C PHE B 30 -26.16 -8.06 12.40
N GLU B 31 -25.63 -6.84 12.29
CA GLU B 31 -25.58 -6.12 11.01
C GLU B 31 -24.12 -5.98 10.53
N PRO B 32 -23.75 -6.72 9.47
CA PRO B 32 -22.39 -6.69 8.90
C PRO B 32 -21.79 -5.30 8.73
N ARG B 33 -22.52 -4.43 8.05
CA ARG B 33 -22.06 -3.07 7.80
C ARG B 33 -21.69 -2.30 9.05
N ALA B 34 -22.58 -2.33 10.05
CA ALA B 34 -22.33 -1.63 11.30
C ALA B 34 -21.08 -2.22 11.95
N TYR B 35 -20.95 -3.55 11.84
CA TYR B 35 -19.81 -4.27 12.39
C TYR B 35 -18.52 -3.79 11.71
N LEU B 36 -18.55 -3.77 10.38
CA LEU B 36 -17.41 -3.34 9.59
C LEU B 36 -17.03 -1.89 9.88
N ARG B 37 -18.04 -1.03 10.01
CA ARG B 37 -17.83 0.39 10.29
C ARG B 37 -17.19 0.57 11.68
N ASN B 38 -17.73 -0.13 12.68
CA ASN B 38 -17.22 -0.01 14.04
C ASN B 38 -15.80 -0.54 14.20
N ASN B 39 -15.51 -1.65 13.54
CA ASN B 39 -14.20 -2.29 13.70
C ASN B 39 -13.14 -2.16 12.62
N TYR B 40 -13.54 -1.87 11.38
CA TYR B 40 -12.55 -1.77 10.34
C TYR B 40 -12.48 -0.46 9.59
N ALA B 41 -13.26 0.50 10.04
CA ALA B 41 -13.23 1.84 9.44
C ALA B 41 -12.51 2.66 10.51
N PRO B 42 -11.98 3.84 10.18
CA PRO B 42 -11.31 4.62 11.23
C PRO B 42 -12.25 4.99 12.38
N PRO B 43 -11.72 5.24 13.58
CA PRO B 43 -10.32 5.24 14.03
C PRO B 43 -9.59 3.89 14.13
N ARG B 44 -10.35 2.81 14.31
CA ARG B 44 -9.73 1.48 14.42
C ARG B 44 -9.18 0.99 13.08
N GLY B 45 -9.85 1.35 11.99
CA GLY B 45 -9.40 0.94 10.67
C GLY B 45 -8.30 1.83 10.12
N ASP B 46 -7.83 2.78 10.92
CA ASP B 46 -6.75 3.65 10.47
C ASP B 46 -5.49 2.84 10.61
N LEU B 47 -4.89 2.48 9.48
CA LEU B 47 -3.68 1.67 9.51
C LEU B 47 -2.41 2.50 9.49
N CYS B 48 -2.57 3.83 9.46
CA CYS B 48 -1.42 4.72 9.44
C CYS B 48 -0.77 4.82 10.81
N ASN B 49 -1.60 4.77 11.85
CA ASN B 49 -1.11 4.80 13.22
C ASN B 49 -0.52 3.42 13.51
N PRO B 50 0.81 3.32 13.56
CA PRO B 50 1.49 2.04 13.81
C PRO B 50 1.25 1.44 15.20
N ASN B 51 0.69 2.22 16.12
CA ASN B 51 0.39 1.72 17.46
C ASN B 51 -1.02 1.17 17.51
N GLY B 52 -1.73 1.31 16.39
CA GLY B 52 -3.10 0.82 16.30
C GLY B 52 -3.21 -0.69 16.29
N VAL B 53 -4.40 -1.17 16.65
CA VAL B 53 -4.70 -2.59 16.70
C VAL B 53 -4.65 -3.24 15.31
N GLY B 54 -5.16 -2.53 14.31
CA GLY B 54 -5.16 -3.06 12.95
C GLY B 54 -3.78 -3.52 12.53
N PRO B 55 -2.80 -2.61 12.53
CA PRO B 55 -1.43 -2.95 12.15
C PRO B 55 -0.88 -4.11 12.97
N TRP B 56 -1.12 -4.06 14.28
CA TRP B 56 -0.65 -5.09 15.18
C TRP B 56 -1.16 -6.45 14.76
N LYS B 57 -2.43 -6.52 14.38
CA LYS B 57 -3.00 -7.79 13.95
C LYS B 57 -2.33 -8.33 12.69
N LEU B 58 -2.26 -7.51 11.64
CA LEU B 58 -1.63 -7.92 10.39
C LEU B 58 -0.16 -8.28 10.63
N ARG B 59 0.50 -7.52 11.49
CA ARG B 59 1.89 -7.76 11.82
C ARG B 59 2.05 -9.12 12.50
N CYS B 60 1.11 -9.47 13.37
CA CYS B 60 1.19 -10.75 14.06
C CYS B 60 1.06 -11.89 13.07
N LEU B 61 0.09 -11.76 12.16
CA LEU B 61 -0.16 -12.78 11.17
C LEU B 61 1.01 -12.88 10.18
N ALA B 62 1.41 -11.75 9.61
CA ALA B 62 2.49 -11.72 8.64
C ALA B 62 3.77 -12.36 9.21
N GLN B 63 4.17 -11.92 10.40
CA GLN B 63 5.37 -12.44 11.04
C GLN B 63 5.32 -13.94 11.25
N THR B 64 4.13 -14.44 11.60
CA THR B 64 3.97 -15.86 11.83
C THR B 64 4.15 -16.67 10.56
N PHE B 65 3.52 -16.24 9.46
CA PHE B 65 3.67 -16.96 8.21
C PHE B 65 5.07 -16.80 7.64
N ALA B 66 5.75 -15.74 8.06
CA ALA B 66 7.10 -15.45 7.59
C ALA B 66 8.15 -16.41 8.14
N THR B 67 7.79 -17.22 9.13
CA THR B 67 8.75 -18.17 9.67
C THR B 67 8.79 -19.35 8.71
N GLY B 68 7.81 -19.43 7.82
CA GLY B 68 7.74 -20.51 6.86
C GLY B 68 7.21 -21.80 7.47
N GLU B 69 7.07 -21.82 8.79
CA GLU B 69 6.59 -23.00 9.51
C GLU B 69 5.09 -23.32 9.43
N VAL B 70 4.31 -22.42 8.84
CA VAL B 70 2.88 -22.66 8.71
C VAL B 70 2.54 -22.72 7.24
N SER B 71 2.42 -23.94 6.72
CA SER B 71 2.11 -24.14 5.31
C SER B 71 1.34 -25.43 5.11
N GLY B 72 1.05 -25.72 3.84
CA GLY B 72 0.29 -26.91 3.54
C GLY B 72 -0.62 -26.61 2.37
N ARG B 73 -1.61 -27.46 2.15
CA ARG B 73 -2.53 -27.27 1.04
C ARG B 73 -3.82 -26.55 1.45
N THR B 74 -4.44 -27.01 2.53
CA THR B 74 -5.71 -26.43 2.98
C THR B 74 -5.73 -25.67 4.31
N LEU B 75 -6.58 -24.66 4.35
CA LEU B 75 -6.75 -23.83 5.53
C LEU B 75 -8.22 -23.46 5.72
N ILE B 76 -8.68 -23.44 6.96
CA ILE B 76 -10.07 -23.07 7.23
C ILE B 76 -10.11 -21.88 8.18
N ASP B 77 -10.90 -20.88 7.83
CA ASP B 77 -11.05 -19.69 8.65
C ASP B 77 -12.36 -19.84 9.43
N ILE B 78 -12.23 -19.97 10.76
CA ILE B 78 -13.39 -20.16 11.63
C ILE B 78 -14.07 -18.85 12.02
N GLY B 79 -15.34 -18.73 11.62
CA GLY B 79 -16.10 -17.53 11.93
C GLY B 79 -15.55 -16.32 11.24
N SER B 80 -15.43 -16.41 9.91
CA SER B 80 -14.92 -15.31 9.09
C SER B 80 -15.71 -14.02 9.26
N GLY B 81 -17.02 -14.14 9.47
CA GLY B 81 -17.81 -12.94 9.59
C GLY B 81 -17.71 -12.27 8.23
N PRO B 82 -17.76 -10.95 8.16
CA PRO B 82 -17.64 -10.32 6.84
C PRO B 82 -16.25 -9.78 6.59
N THR B 83 -15.23 -10.46 7.11
CA THR B 83 -13.86 -9.97 6.94
C THR B 83 -12.92 -10.91 6.21
N VAL B 84 -11.88 -10.33 5.62
CA VAL B 84 -10.90 -11.10 4.88
C VAL B 84 -9.48 -10.77 5.35
N TYR B 85 -9.32 -9.61 5.98
CA TYR B 85 -8.03 -9.15 6.48
C TYR B 85 -7.26 -10.24 7.20
N GLN B 86 -7.97 -11.14 7.88
CA GLN B 86 -7.29 -12.21 8.62
C GLN B 86 -6.69 -13.28 7.69
N LEU B 87 -6.77 -13.05 6.39
CA LEU B 87 -6.26 -14.02 5.41
C LEU B 87 -5.26 -13.43 4.42
N LEU B 88 -5.06 -12.12 4.48
CA LEU B 88 -4.16 -11.48 3.53
C LEU B 88 -2.75 -12.07 3.47
N SER B 89 -2.16 -12.35 4.63
CA SER B 89 -0.82 -12.92 4.68
C SER B 89 -0.83 -14.44 4.51
N ALA B 90 -1.93 -15.06 4.90
CA ALA B 90 -2.06 -16.50 4.81
C ALA B 90 -2.32 -17.05 3.42
N CYS B 91 -3.09 -16.32 2.62
CA CYS B 91 -3.44 -16.83 1.29
C CYS B 91 -2.26 -17.23 0.42
N SER B 92 -1.10 -16.62 0.64
CA SER B 92 0.08 -16.97 -0.14
C SER B 92 0.75 -18.25 0.34
N HIS B 93 0.09 -18.99 1.22
CA HIS B 93 0.68 -20.21 1.74
C HIS B 93 -0.24 -21.42 1.65
N PHE B 94 -1.47 -21.20 1.18
CA PHE B 94 -2.44 -22.29 1.05
C PHE B 94 -3.24 -22.15 -0.24
N GLU B 95 -3.24 -23.22 -1.03
CA GLU B 95 -3.95 -23.24 -2.32
C GLU B 95 -5.47 -23.36 -2.14
N ASP B 96 -5.87 -23.98 -1.04
CA ASP B 96 -7.30 -24.17 -0.78
C ASP B 96 -7.70 -23.49 0.52
N ILE B 97 -8.60 -22.53 0.42
CA ILE B 97 -9.06 -21.80 1.59
C ILE B 97 -10.57 -21.90 1.75
N THR B 98 -11.00 -22.26 2.95
CA THR B 98 -12.42 -22.34 3.23
C THR B 98 -12.78 -21.20 4.19
N MET B 99 -13.72 -20.35 3.80
CA MET B 99 -14.16 -19.28 4.69
C MET B 99 -15.48 -19.77 5.27
N THR B 100 -15.79 -19.39 6.50
CA THR B 100 -17.02 -19.85 7.11
C THR B 100 -17.73 -18.82 7.99
N ASP B 101 -18.99 -19.10 8.27
CA ASP B 101 -19.79 -18.28 9.17
C ASP B 101 -21.18 -18.81 9.44
N PHE B 102 -21.67 -18.46 10.62
CA PHE B 102 -22.97 -18.85 11.14
C PHE B 102 -24.11 -18.14 10.41
N LEU B 103 -23.91 -16.84 10.17
CA LEU B 103 -24.90 -15.98 9.53
C LEU B 103 -24.81 -15.85 8.01
N GLU B 104 -25.93 -16.09 7.34
CA GLU B 104 -25.99 -15.99 5.90
C GLU B 104 -25.58 -14.59 5.44
N VAL B 105 -26.10 -13.55 6.11
CA VAL B 105 -25.75 -12.16 5.75
C VAL B 105 -24.25 -11.91 5.65
N ASN B 106 -23.49 -12.50 6.57
CA ASN B 106 -22.03 -12.37 6.55
C ASN B 106 -21.49 -13.10 5.33
N ARG B 107 -21.97 -14.31 5.12
CA ARG B 107 -21.54 -15.09 3.97
C ARG B 107 -21.80 -14.31 2.69
N GLN B 108 -22.97 -13.67 2.61
CA GLN B 108 -23.35 -12.87 1.44
C GLN B 108 -22.44 -11.66 1.29
N GLU B 109 -21.96 -11.16 2.42
CA GLU B 109 -21.07 -10.00 2.42
C GLU B 109 -19.71 -10.39 1.83
N LEU B 110 -19.22 -11.58 2.17
CA LEU B 110 -17.96 -12.05 1.63
C LEU B 110 -18.22 -12.28 0.13
N GLY B 111 -19.39 -12.83 -0.18
CA GLY B 111 -19.76 -13.08 -1.56
C GLY B 111 -19.70 -11.79 -2.36
N ARG B 112 -20.09 -10.68 -1.75
CA ARG B 112 -20.07 -9.39 -2.43
C ARG B 112 -18.64 -9.01 -2.76
N TRP B 113 -17.71 -9.35 -1.86
CA TRP B 113 -16.32 -9.02 -2.09
C TRP B 113 -15.71 -10.00 -3.10
N LEU B 114 -16.08 -11.27 -2.99
CA LEU B 114 -15.53 -12.24 -3.93
C LEU B 114 -15.86 -11.88 -5.37
N GLN B 115 -17.03 -11.28 -5.58
CA GLN B 115 -17.46 -10.88 -6.93
C GLN B 115 -16.85 -9.54 -7.33
N GLU B 116 -16.07 -8.96 -6.43
CA GLU B 116 -15.44 -7.67 -6.69
C GLU B 116 -16.47 -6.62 -7.05
N GLU B 117 -17.60 -6.64 -6.34
CA GLU B 117 -18.65 -5.67 -6.57
C GLU B 117 -18.29 -4.36 -5.88
N PRO B 118 -18.71 -3.23 -6.44
CA PRO B 118 -18.42 -1.91 -5.87
C PRO B 118 -19.11 -1.68 -4.53
N GLY B 119 -20.28 -2.31 -4.34
CA GLY B 119 -20.99 -2.15 -3.09
C GLY B 119 -20.32 -2.87 -1.93
N ALA B 120 -19.37 -3.73 -2.26
CA ALA B 120 -18.64 -4.51 -1.27
C ALA B 120 -17.80 -3.61 -0.37
N PHE B 121 -17.35 -4.16 0.77
CA PHE B 121 -16.52 -3.38 1.68
C PHE B 121 -15.14 -3.33 1.04
N ASN B 122 -14.49 -2.18 1.06
CA ASN B 122 -13.17 -2.07 0.49
C ASN B 122 -12.06 -2.36 1.51
N TRP B 123 -11.33 -3.43 1.26
CA TRP B 123 -10.24 -3.85 2.11
C TRP B 123 -8.87 -3.49 1.56
N SER B 124 -8.85 -2.64 0.53
CA SER B 124 -7.58 -2.26 -0.08
C SER B 124 -6.57 -1.60 0.86
N MET B 125 -7.04 -0.94 1.91
CA MET B 125 -6.09 -0.32 2.86
C MET B 125 -5.39 -1.46 3.61
N TYR B 126 -6.16 -2.48 3.95
CA TYR B 126 -5.62 -3.64 4.64
C TYR B 126 -4.68 -4.39 3.72
N SER B 127 -5.12 -4.62 2.47
CA SER B 127 -4.30 -5.32 1.49
C SER B 127 -2.99 -4.59 1.30
N GLN B 128 -3.06 -3.27 1.14
CA GLN B 128 -1.86 -2.48 0.95
C GLN B 128 -0.91 -2.60 2.14
N HIS B 129 -1.46 -2.56 3.36
CA HIS B 129 -0.63 -2.65 4.55
C HIS B 129 0.04 -4.03 4.69
N ALA B 130 -0.68 -5.08 4.31
CA ALA B 130 -0.14 -6.43 4.40
C ALA B 130 1.10 -6.56 3.51
N CYS B 131 0.96 -6.12 2.26
CA CYS B 131 2.04 -6.17 1.29
C CYS B 131 3.21 -5.35 1.85
N LEU B 132 2.86 -4.22 2.43
CA LEU B 132 3.82 -3.31 3.01
C LEU B 132 4.68 -4.01 4.05
N ILE B 133 4.05 -4.65 5.03
CA ILE B 133 4.83 -5.31 6.07
C ILE B 133 5.37 -6.68 5.68
N GLU B 134 4.84 -7.27 4.61
CA GLU B 134 5.34 -8.56 4.15
C GLU B 134 6.68 -8.35 3.44
N GLY B 135 6.92 -7.11 3.01
CA GLY B 135 8.18 -6.74 2.36
C GLY B 135 8.68 -7.45 1.11
N LYS B 136 7.78 -7.77 0.17
CA LYS B 136 8.20 -8.43 -1.06
C LYS B 136 7.82 -7.56 -2.26
N GLY B 137 7.55 -6.29 -1.99
CA GLY B 137 7.17 -5.35 -3.03
C GLY B 137 5.94 -5.74 -3.85
N GLU B 138 5.03 -6.49 -3.25
CA GLU B 138 3.82 -6.92 -3.95
C GLU B 138 2.79 -5.78 -3.99
N CYS B 139 1.99 -5.73 -5.05
CA CYS B 139 0.99 -4.69 -5.16
C CYS B 139 -0.28 -5.31 -4.58
N TRP B 140 -1.11 -4.47 -3.94
CA TRP B 140 -2.31 -4.99 -3.30
C TRP B 140 -3.32 -5.66 -4.23
N GLN B 141 -3.35 -5.22 -5.48
CA GLN B 141 -4.27 -5.83 -6.43
C GLN B 141 -3.90 -7.29 -6.70
N ASP B 142 -2.60 -7.58 -6.79
CA ASP B 142 -2.18 -8.96 -7.00
C ASP B 142 -2.53 -9.80 -5.78
N LYS B 143 -2.28 -9.24 -4.59
CA LYS B 143 -2.58 -9.89 -3.32
C LYS B 143 -4.06 -10.26 -3.21
N GLU B 144 -4.94 -9.30 -3.48
CA GLU B 144 -6.38 -9.55 -3.40
C GLU B 144 -6.82 -10.54 -4.46
N ARG B 145 -6.15 -10.49 -5.61
CA ARG B 145 -6.50 -11.39 -6.71
C ARG B 145 -6.16 -12.82 -6.32
N GLN B 146 -5.06 -12.98 -5.60
CA GLN B 146 -4.64 -14.29 -5.16
C GLN B 146 -5.64 -14.85 -4.13
N LEU B 147 -6.03 -14.00 -3.17
CA LEU B 147 -6.98 -14.42 -2.15
C LEU B 147 -8.32 -14.82 -2.77
N ARG B 148 -8.86 -13.99 -3.65
CA ARG B 148 -10.13 -14.32 -4.30
C ARG B 148 -10.04 -15.64 -5.06
N ALA B 149 -8.84 -16.01 -5.48
CA ALA B 149 -8.66 -17.25 -6.25
C ALA B 149 -8.49 -18.48 -5.39
N ARG B 150 -7.94 -18.29 -4.19
CA ARG B 150 -7.72 -19.42 -3.31
C ARG B 150 -8.92 -19.73 -2.40
N VAL B 151 -9.81 -18.75 -2.24
CA VAL B 151 -11.01 -18.98 -1.44
C VAL B 151 -11.87 -19.90 -2.32
N LYS B 152 -11.93 -21.17 -1.94
CA LYS B 152 -12.67 -22.16 -2.71
C LYS B 152 -14.12 -22.39 -2.29
N ARG B 153 -14.51 -21.87 -1.13
CA ARG B 153 -15.88 -22.05 -0.64
C ARG B 153 -16.12 -21.24 0.63
N VAL B 154 -17.37 -20.85 0.85
CA VAL B 154 -17.78 -20.11 2.04
C VAL B 154 -18.92 -20.93 2.64
N LEU B 155 -18.61 -21.62 3.73
CA LEU B 155 -19.57 -22.52 4.35
C LEU B 155 -20.17 -22.11 5.68
N PRO B 156 -21.37 -22.63 5.99
CA PRO B 156 -22.06 -22.33 7.23
C PRO B 156 -21.27 -23.08 8.31
N ILE B 157 -21.26 -22.54 9.52
CA ILE B 157 -20.54 -23.18 10.61
C ILE B 157 -21.13 -22.84 11.98
N ASP B 158 -21.10 -23.81 12.87
CA ASP B 158 -21.57 -23.62 14.24
C ASP B 158 -20.49 -24.27 15.10
N VAL B 159 -19.63 -23.46 15.70
CA VAL B 159 -18.55 -23.99 16.51
C VAL B 159 -19.03 -24.79 17.72
N HIS B 160 -20.32 -24.68 18.04
CA HIS B 160 -20.90 -25.39 19.17
C HIS B 160 -21.27 -26.84 18.89
N GLN B 161 -21.44 -27.18 17.62
CA GLN B 161 -21.75 -28.56 17.25
C GLN B 161 -20.45 -29.36 17.30
N PRO B 162 -20.51 -30.66 17.63
CA PRO B 162 -19.29 -31.49 17.69
C PRO B 162 -18.56 -31.50 16.35
N GLN B 163 -19.32 -31.31 15.28
CA GLN B 163 -18.79 -31.24 13.92
C GLN B 163 -19.29 -29.89 13.44
N PRO B 164 -18.52 -28.82 13.68
CA PRO B 164 -18.85 -27.44 13.30
C PRO B 164 -19.38 -27.26 11.88
N LEU B 165 -18.93 -28.10 10.95
CA LEU B 165 -19.37 -28.00 9.57
C LEU B 165 -20.41 -29.05 9.17
N GLY B 166 -20.69 -29.98 10.08
CA GLY B 166 -21.64 -31.04 9.80
C GLY B 166 -20.89 -32.19 9.19
N ALA B 167 -21.50 -33.38 9.12
CA ALA B 167 -20.81 -34.51 8.52
C ALA B 167 -20.96 -34.48 7.01
N GLY B 168 -19.97 -35.02 6.31
CA GLY B 168 -19.99 -35.04 4.86
C GLY B 168 -19.82 -33.65 4.27
N SER B 169 -19.29 -32.74 5.08
CA SER B 169 -19.08 -31.38 4.63
C SER B 169 -17.98 -31.28 3.59
N PRO B 170 -18.23 -30.46 2.55
CA PRO B 170 -17.33 -30.17 1.42
C PRO B 170 -15.89 -29.83 1.80
N ALA B 171 -15.73 -29.05 2.85
CA ALA B 171 -14.41 -28.65 3.31
C ALA B 171 -13.45 -29.84 3.32
N PRO B 172 -12.27 -29.68 2.72
CA PRO B 172 -11.30 -30.76 2.71
C PRO B 172 -10.81 -30.93 4.13
N LEU B 173 -11.14 -32.06 4.74
CA LEU B 173 -10.73 -32.33 6.11
C LEU B 173 -9.84 -33.56 6.18
N PRO B 174 -8.87 -33.56 7.10
CA PRO B 174 -8.61 -32.46 8.03
C PRO B 174 -7.78 -31.40 7.33
N ALA B 175 -7.95 -30.14 7.73
CA ALA B 175 -7.20 -29.05 7.13
C ALA B 175 -5.79 -28.94 7.72
N ASP B 176 -4.88 -28.30 7.00
CA ASP B 176 -3.52 -28.16 7.47
C ASP B 176 -3.34 -27.00 8.45
N ALA B 177 -4.29 -26.09 8.45
CA ALA B 177 -4.22 -24.94 9.34
C ALA B 177 -5.59 -24.33 9.58
N LEU B 178 -5.74 -23.66 10.71
CA LEU B 178 -6.98 -23.00 11.04
C LEU B 178 -6.66 -21.57 11.41
N VAL B 179 -7.56 -20.68 11.06
CA VAL B 179 -7.43 -19.27 11.40
C VAL B 179 -8.80 -18.91 11.96
N SER B 180 -8.80 -18.12 13.03
CA SER B 180 -10.05 -17.69 13.64
C SER B 180 -9.79 -16.42 14.42
N ALA B 181 -10.55 -15.39 14.07
CA ALA B 181 -10.40 -14.11 14.73
C ALA B 181 -11.70 -13.63 15.33
N PHE B 182 -11.67 -13.39 16.64
CA PHE B 182 -12.82 -12.89 17.37
C PHE B 182 -14.08 -13.72 17.24
N CYS B 183 -13.97 -15.04 17.20
CA CYS B 183 -15.17 -15.84 17.09
C CYS B 183 -15.55 -16.61 18.35
N LEU B 184 -14.67 -17.48 18.84
CA LEU B 184 -14.97 -18.28 20.00
C LEU B 184 -15.47 -17.51 21.21
N GLU B 185 -14.73 -16.47 21.63
CA GLU B 185 -15.18 -15.74 22.81
C GLU B 185 -16.44 -14.92 22.51
N ALA B 186 -16.65 -14.58 21.24
CA ALA B 186 -17.81 -13.78 20.87
C ALA B 186 -19.10 -14.57 20.70
N VAL B 187 -19.03 -15.89 20.83
CA VAL B 187 -20.21 -16.72 20.66
C VAL B 187 -20.36 -17.76 21.78
N SER B 188 -19.53 -17.63 22.80
CA SER B 188 -19.55 -18.53 23.94
C SER B 188 -20.04 -17.77 25.16
N PRO B 189 -21.05 -18.32 25.85
CA PRO B 189 -21.62 -17.69 27.05
C PRO B 189 -20.65 -17.74 28.22
N ASP B 190 -19.81 -18.76 28.26
CA ASP B 190 -18.85 -18.92 29.35
C ASP B 190 -17.56 -19.64 28.95
N LEU B 191 -16.61 -19.66 29.88
CA LEU B 191 -15.32 -20.29 29.65
C LEU B 191 -15.40 -21.77 29.31
N ALA B 192 -16.39 -22.48 29.85
CA ALA B 192 -16.55 -23.90 29.57
C ALA B 192 -17.05 -24.08 28.14
N SER B 193 -17.87 -23.14 27.71
CA SER B 193 -18.42 -23.16 26.35
C SER B 193 -17.31 -22.86 25.35
N PHE B 194 -16.50 -21.84 25.66
CA PHE B 194 -15.37 -21.44 24.84
C PHE B 194 -14.45 -22.65 24.66
N GLN B 195 -14.27 -23.37 25.76
CA GLN B 195 -13.43 -24.56 25.82
C GLN B 195 -13.97 -25.65 24.88
N ARG B 196 -15.26 -25.92 24.96
CA ARG B 196 -15.87 -26.93 24.08
C ARG B 196 -15.79 -26.50 22.63
N ALA B 197 -16.04 -25.21 22.38
CA ALA B 197 -15.97 -24.67 21.04
C ALA B 197 -14.57 -24.87 20.45
N LEU B 198 -13.55 -24.67 21.27
CA LEU B 198 -12.18 -24.87 20.84
C LEU B 198 -11.94 -26.33 20.49
N ASP B 199 -12.42 -27.24 21.34
CA ASP B 199 -12.25 -28.68 21.09
C ASP B 199 -12.88 -29.06 19.77
N HIS B 200 -14.08 -28.54 19.53
CA HIS B 200 -14.85 -28.80 18.33
C HIS B 200 -14.17 -28.42 17.01
N ILE B 201 -13.66 -27.19 16.91
CA ILE B 201 -13.00 -26.79 15.68
C ILE B 201 -11.67 -27.53 15.55
N THR B 202 -11.14 -27.99 16.68
CA THR B 202 -9.87 -28.69 16.69
C THR B 202 -10.00 -30.05 16.02
N THR B 203 -11.22 -30.58 15.94
CA THR B 203 -11.41 -31.87 15.29
C THR B 203 -11.17 -31.70 13.80
N LEU B 204 -11.15 -30.45 13.35
CA LEU B 204 -10.96 -30.14 11.93
C LEU B 204 -9.50 -29.98 11.54
N LEU B 205 -8.61 -29.88 12.54
CA LEU B 205 -7.20 -29.68 12.26
C LEU B 205 -6.39 -30.96 12.39
N ARG B 206 -5.63 -31.31 11.35
CA ARG B 206 -4.81 -32.53 11.40
C ARG B 206 -3.74 -32.38 12.47
N PRO B 207 -3.31 -33.50 13.05
CA PRO B 207 -2.28 -33.47 14.09
C PRO B 207 -1.04 -32.83 13.48
N GLY B 208 -0.36 -31.98 14.25
CA GLY B 208 0.82 -31.31 13.74
C GLY B 208 0.47 -30.03 12.98
N GLY B 209 -0.82 -29.75 12.85
CA GLY B 209 -1.26 -28.56 12.16
C GLY B 209 -1.17 -27.30 13.00
N HIS B 210 -1.43 -26.16 12.37
CA HIS B 210 -1.33 -24.90 13.07
C HIS B 210 -2.65 -24.13 13.15
N LEU B 211 -2.84 -23.48 14.29
CA LEU B 211 -4.02 -22.67 14.54
C LEU B 211 -3.55 -21.27 14.90
N LEU B 212 -4.06 -20.27 14.19
CA LEU B 212 -3.72 -18.90 14.48
C LEU B 212 -5.02 -18.32 15.05
N LEU B 213 -5.01 -18.06 16.36
CA LEU B 213 -6.20 -17.55 17.03
C LEU B 213 -6.04 -16.13 17.52
N ILE B 214 -7.01 -15.30 17.16
CA ILE B 214 -7.04 -13.89 17.54
C ILE B 214 -8.37 -13.66 18.26
N GLY B 215 -8.34 -12.91 19.35
CA GLY B 215 -9.57 -12.65 20.07
C GLY B 215 -9.47 -11.45 21.01
N ALA B 216 -10.62 -11.11 21.61
CA ALA B 216 -10.70 -9.99 22.54
C ALA B 216 -10.41 -10.46 23.96
N LEU B 217 -9.67 -9.64 24.69
CA LEU B 217 -9.31 -9.95 26.07
C LEU B 217 -10.20 -9.13 27.00
N GLU B 218 -10.75 -9.81 28.01
CA GLU B 218 -11.60 -9.17 29.00
C GLU B 218 -12.72 -8.36 28.38
N GLU B 219 -13.43 -8.96 27.43
CA GLU B 219 -14.54 -8.25 26.78
C GLU B 219 -15.86 -8.89 27.17
N SER B 220 -16.88 -8.07 27.39
CA SER B 220 -18.18 -8.59 27.77
C SER B 220 -19.31 -8.19 26.82
N TRP B 221 -19.03 -7.25 25.92
CA TRP B 221 -20.04 -6.83 24.94
C TRP B 221 -19.44 -5.99 23.81
N TYR B 222 -20.14 -5.98 22.68
CA TYR B 222 -19.74 -5.17 21.53
C TYR B 222 -20.99 -4.94 20.70
N LEU B 223 -20.99 -3.87 19.94
CA LEU B 223 -22.13 -3.49 19.11
C LEU B 223 -21.96 -3.87 17.65
N ALA B 224 -23.07 -4.26 17.03
CA ALA B 224 -23.09 -4.62 15.62
C ALA B 224 -24.42 -4.12 15.07
N GLY B 225 -24.64 -2.82 15.23
CA GLY B 225 -25.88 -2.20 14.78
C GLY B 225 -26.87 -2.18 15.94
N GLU B 226 -28.06 -2.73 15.70
CA GLU B 226 -29.10 -2.79 16.73
C GLU B 226 -28.68 -3.76 17.82
N ALA B 227 -27.87 -4.74 17.44
CA ALA B 227 -27.43 -5.78 18.36
C ALA B 227 -26.23 -5.45 19.25
N ARG B 228 -26.42 -5.65 20.55
CA ARG B 228 -25.38 -5.46 21.54
C ARG B 228 -25.13 -6.90 21.97
N LEU B 229 -24.02 -7.47 21.52
CA LEU B 229 -23.72 -8.86 21.83
C LEU B 229 -22.89 -9.15 23.07
N THR B 230 -23.17 -10.30 23.68
CA THR B 230 -22.50 -10.75 24.89
C THR B 230 -21.24 -11.55 24.58
N VAL B 231 -20.14 -11.14 25.21
CA VAL B 231 -18.84 -11.78 25.05
C VAL B 231 -18.37 -12.31 26.42
N VAL B 232 -17.71 -13.47 26.42
CA VAL B 232 -17.18 -14.02 27.66
C VAL B 232 -15.81 -13.38 27.87
N PRO B 233 -15.61 -12.75 29.03
CA PRO B 233 -14.31 -12.11 29.30
C PRO B 233 -13.25 -13.18 29.58
N VAL B 234 -12.21 -13.21 28.77
CA VAL B 234 -11.14 -14.20 28.96
C VAL B 234 -9.80 -13.47 29.09
N SER B 235 -8.88 -14.11 29.81
CA SER B 235 -7.54 -13.55 30.03
C SER B 235 -6.54 -14.32 29.17
N GLU B 236 -5.30 -13.82 29.11
CA GLU B 236 -4.28 -14.49 28.33
C GLU B 236 -4.15 -15.90 28.91
N GLU B 237 -4.05 -15.98 30.23
CA GLU B 237 -3.91 -17.26 30.96
C GLU B 237 -5.00 -18.27 30.58
N GLU B 238 -6.25 -17.82 30.63
CA GLU B 238 -7.38 -18.67 30.28
C GLU B 238 -7.29 -19.20 28.85
N VAL B 239 -6.85 -18.36 27.92
CA VAL B 239 -6.70 -18.77 26.53
C VAL B 239 -5.57 -19.79 26.45
N ARG B 240 -4.48 -19.52 27.16
CA ARG B 240 -3.34 -20.43 27.12
C ARG B 240 -3.75 -21.79 27.63
N GLU B 241 -4.37 -21.82 28.82
CA GLU B 241 -4.82 -23.07 29.43
C GLU B 241 -5.80 -23.82 28.52
N ALA B 242 -6.73 -23.09 27.92
CA ALA B 242 -7.71 -23.71 27.02
C ALA B 242 -7.00 -24.37 25.83
N LEU B 243 -5.98 -23.70 25.30
CA LEU B 243 -5.22 -24.23 24.17
C LEU B 243 -4.52 -25.52 24.60
N VAL B 244 -3.84 -25.47 25.75
CA VAL B 244 -3.16 -26.65 26.29
C VAL B 244 -4.16 -27.78 26.46
N ARG B 245 -5.28 -27.44 27.08
CA ARG B 245 -6.38 -28.37 27.33
C ARG B 245 -6.85 -29.05 26.04
N SER B 246 -6.88 -28.32 24.94
CA SER B 246 -7.34 -28.90 23.68
C SER B 246 -6.28 -29.73 22.97
N GLY B 247 -5.07 -29.78 23.51
CA GLY B 247 -4.00 -30.57 22.91
C GLY B 247 -3.08 -29.81 21.96
N TYR B 248 -2.82 -28.56 22.29
CA TYR B 248 -1.96 -27.70 21.48
C TYR B 248 -0.70 -27.32 22.23
N LYS B 249 0.39 -27.17 21.48
CA LYS B 249 1.62 -26.70 22.06
C LYS B 249 1.55 -25.23 21.67
N VAL B 250 1.62 -24.34 22.64
CA VAL B 250 1.58 -22.91 22.35
C VAL B 250 2.95 -22.44 21.88
N ARG B 251 3.00 -21.98 20.63
CA ARG B 251 4.23 -21.50 20.03
C ARG B 251 4.43 -20.01 20.29
N ASP B 252 3.33 -19.27 20.32
CA ASP B 252 3.39 -17.85 20.55
C ASP B 252 2.06 -17.33 21.04
N LEU B 253 2.12 -16.45 22.04
CA LEU B 253 0.91 -15.87 22.60
C LEU B 253 1.22 -14.44 23.00
N ARG B 254 0.77 -13.51 22.15
CA ARG B 254 1.00 -12.09 22.36
C ARG B 254 -0.27 -11.39 22.81
N THR B 255 -0.11 -10.26 23.48
CA THR B 255 -1.23 -9.46 23.95
C THR B 255 -1.07 -8.01 23.53
N TYR B 256 -2.16 -7.41 23.10
CA TYR B 256 -2.15 -6.01 22.69
C TYR B 256 -3.07 -5.29 23.67
N ILE B 257 -2.57 -4.23 24.29
CA ILE B 257 -3.41 -3.49 25.24
C ILE B 257 -4.09 -2.37 24.47
N MET B 258 -5.41 -2.43 24.42
CA MET B 258 -6.17 -1.43 23.71
C MET B 258 -5.94 -0.06 24.30
N PRO B 259 -5.43 0.89 23.50
CA PRO B 259 -5.19 2.26 23.98
C PRO B 259 -6.49 3.05 24.14
N ALA B 260 -6.52 3.92 25.15
CA ALA B 260 -7.71 4.72 25.43
C ALA B 260 -8.28 5.34 24.15
N HIS B 261 -7.38 5.86 23.34
CA HIS B 261 -7.74 6.47 22.07
C HIS B 261 -8.60 5.58 21.16
N LEU B 262 -8.59 4.28 21.41
CA LEU B 262 -9.38 3.35 20.58
C LEU B 262 -10.59 2.74 21.28
N GLN B 263 -10.87 3.23 22.49
CA GLN B 263 -12.05 2.78 23.25
C GLN B 263 -13.15 3.69 22.72
N THR B 264 -13.85 3.24 21.68
CA THR B 264 -14.88 4.06 21.04
C THR B 264 -16.33 3.88 21.49
N GLY B 265 -16.57 3.01 22.46
CA GLY B 265 -17.93 2.80 22.91
C GLY B 265 -18.63 1.73 22.08
N VAL B 266 -17.91 1.16 21.13
CA VAL B 266 -18.46 0.09 20.29
C VAL B 266 -18.32 -1.23 21.05
N ASP B 267 -17.54 -1.21 22.13
CA ASP B 267 -17.31 -2.37 22.99
C ASP B 267 -16.56 -1.98 24.28
N ASP B 268 -16.32 -2.95 25.15
CA ASP B 268 -15.58 -2.68 26.39
C ASP B 268 -14.31 -3.54 26.41
N VAL B 269 -13.77 -3.80 25.22
CA VAL B 269 -12.57 -4.62 25.06
C VAL B 269 -11.36 -3.95 25.73
N LYS B 270 -10.58 -4.75 26.45
CA LYS B 270 -9.40 -4.21 27.15
C LYS B 270 -8.10 -4.50 26.41
N GLY B 271 -8.12 -5.56 25.61
CA GLY B 271 -6.93 -5.92 24.86
C GLY B 271 -7.26 -6.99 23.84
N VAL B 272 -6.29 -7.29 22.99
CA VAL B 272 -6.45 -8.28 21.96
C VAL B 272 -5.31 -9.27 22.08
N PHE B 273 -5.61 -10.55 21.93
CA PHE B 273 -4.60 -11.58 22.04
C PHE B 273 -4.41 -12.30 20.71
N PHE B 274 -3.18 -12.76 20.47
CA PHE B 274 -2.83 -13.50 19.28
C PHE B 274 -2.09 -14.74 19.73
N ALA B 275 -2.60 -15.90 19.34
CA ALA B 275 -1.95 -17.13 19.73
C ALA B 275 -1.61 -18.00 18.54
N TRP B 276 -0.39 -18.51 18.54
CA TRP B 276 0.06 -19.42 17.51
C TRP B 276 0.21 -20.76 18.21
N ALA B 277 -0.72 -21.66 17.94
CA ALA B 277 -0.72 -22.98 18.57
C ALA B 277 -0.62 -24.09 17.54
N GLN B 278 0.03 -25.18 17.93
CA GLN B 278 0.20 -26.31 17.04
C GLN B 278 -0.36 -27.57 17.69
N LYS B 279 -1.20 -28.28 16.94
CA LYS B 279 -1.82 -29.48 17.42
C LYS B 279 -0.77 -30.57 17.58
N VAL B 280 -0.64 -31.08 18.80
CA VAL B 280 0.33 -32.14 19.08
C VAL B 280 -0.12 -33.44 18.40
N GLY B 281 0.79 -34.02 17.60
CA GLY B 281 0.49 -35.24 16.87
C GLY B 281 0.89 -36.53 17.54
N SAH C . 8.57 16.34 -15.01
CA SAH C . 7.30 15.74 -15.42
CB SAH C . 6.79 16.40 -16.72
CG SAH C . 7.78 16.47 -17.89
SD SAH C . 7.00 17.13 -19.39
C SAH C . 7.41 14.20 -15.55
O SAH C . 8.37 13.63 -15.00
OXT SAH C . 6.52 13.58 -16.18
C5' SAH C . 8.03 18.56 -19.79
C4' SAH C . 7.59 19.79 -19.00
O4' SAH C . 8.44 20.93 -19.25
C3' SAH C . 6.15 20.25 -19.21
O3' SAH C . 5.50 20.38 -17.96
C2' SAH C . 6.32 21.58 -19.94
O2' SAH C . 5.26 22.49 -19.69
C1' SAH C . 7.64 22.08 -19.35
N9 SAH C . 8.35 23.08 -20.14
C8 SAH C . 8.10 23.57 -21.47
N7 SAH C . 8.94 24.50 -21.86
C5 SAH C . 9.78 24.64 -20.75
C6 SAH C . 10.87 25.52 -20.58
N6 SAH C . 11.28 26.38 -21.51
N1 SAH C . 11.54 25.46 -19.40
C2 SAH C . 11.10 24.59 -18.45
N3 SAH C . 10.07 23.72 -18.51
C4 SAH C . 9.44 23.80 -19.71
OAB TTL D . 6.91 11.67 -19.88
CAL TTL D . 8.02 11.02 -20.50
CAJ TTL D . 8.03 9.53 -20.12
CAF TTL D . 7.76 9.16 -18.82
CAD TTL D . 7.81 7.83 -18.43
CAC TTL D . 8.14 6.86 -19.37
CAE TTL D . 8.41 7.23 -20.68
CAI TTL D . 8.35 8.55 -21.07
CAG TTL D . 8.62 8.87 -22.55
CAH TTL D . 8.99 10.35 -22.74
CAK TTL D . 7.97 11.24 -22.01
NAA TTL D . 8.26 12.65 -22.31
P PO4 E . -11.64 -3.76 -3.92
O1 PO4 E . -10.79 -3.13 -2.87
O2 PO4 E . -13.07 -3.67 -3.50
O3 PO4 E . -11.25 -5.20 -4.09
O4 PO4 E . -11.45 -3.04 -5.21
N SAH F . -13.72 -13.06 12.17
CA SAH F . -14.19 -11.71 11.86
CB SAH F . -15.62 -11.52 12.44
CG SAH F . -15.82 -11.91 13.92
SD SAH F . -17.47 -11.44 14.57
C SAH F . -13.21 -10.63 12.36
O SAH F . -13.65 -9.48 12.61
OXT SAH F . -12.00 -10.93 12.45
C5' SAH F . -18.11 -13.00 15.26
C4' SAH F . -18.69 -13.90 14.19
O4' SAH F . -19.09 -15.19 14.71
C3' SAH F . -19.87 -13.37 13.38
O3' SAH F . -19.53 -13.38 12.00
C2' SAH F . -20.99 -14.35 13.72
O2' SAH F . -21.91 -14.56 12.66
C1' SAH F . -20.22 -15.64 14.00
N9 SAH F . -20.91 -16.65 14.80
C8 SAH F . -22.05 -16.51 15.62
N7 SAH F . -22.44 -17.64 16.18
C5 SAH F . -21.52 -18.55 15.71
C6 SAH F . -21.43 -19.95 15.93
N6 SAH F . -22.29 -20.64 16.72
N1 SAH F . -20.41 -20.64 15.33
C2 SAH F . -19.55 -19.94 14.55
N3 SAH F . -19.54 -18.61 14.26
C4 SAH F . -20.57 -17.98 14.87
OAB TTL G . -14.42 -7.43 16.14
CAL TTL G . -13.75 -7.50 17.40
CAJ TTL G . -12.58 -6.52 17.44
CAF TTL G . -11.81 -6.32 16.30
CAD TTL G . -10.70 -5.49 16.34
CAC TTL G . -10.35 -4.85 17.53
CAE TTL G . -11.13 -5.04 18.66
CAI TTL G . -12.25 -5.87 18.63
CAG TTL G . -13.10 -5.95 19.91
CAH TTL G . -14.01 -7.17 19.89
CAK TTL G . -14.74 -7.27 18.55
NAA TTL G . -15.68 -8.40 18.60
#